data_9GWX
#
_entry.id   9GWX
#
_cell.length_a   93.609
_cell.length_b   61.050
_cell.length_c   118.846
_cell.angle_alpha   90.000
_cell.angle_beta   101.697
_cell.angle_gamma   90.000
#
_symmetry.space_group_name_H-M   'C 1 2 1'
#
loop_
_entity.id
_entity.type
_entity.pdbx_description
1 polymer 'Peroxisome proliferator-activated receptor gamma'
2 non-polymer '4-[1-[2,6-bis(chloranyl)phenyl]carbonyl-5-chloranyl-indazol-3-yl]-3-phenylmethoxy-benzoic acid'
3 water water
#
_entity_poly.entity_id   1
_entity_poly.type   'polypeptide(L)'
_entity_poly.pdbx_seq_one_letter_code
;GSHMESADLRALAKHLYDSYIKSFPLTKAKARAILTGKTTDKSPFVIYDMNSLMMGEDKIKFKHITPLQEQSKEVAIRIF
QGCQFRSVEAVQEITEYAKSIPGFVNLDLNDQVTLLKYGVHEIIYTMLASLMNKDGVLISEGQGFMTREFLKSLRKPFGD
FMEPKFEFAVKFNALELDDSDLAIFIAVIILSGDRPGLLNVKPIEDIQDNLLQALELQLKLNHPESSQLFAKLLQKMTDL
RQIVTEHVQLLQVIKKTETDMSLHPLLQEIYKDLY
;
_entity_poly.pdbx_strand_id   B,A
#
loop_
_chem_comp.id
_chem_comp.type
_chem_comp.name
_chem_comp.formula
A1IP8 non-polymer '4-[1-[2,6-bis(chloranyl)phenyl]carbonyl-5-chloranyl-indazol-3-yl]-3-phenylmethoxy-benzoic acid' 'C28 H17 Cl3 N2 O4'
#
# COMPACT_ATOMS: atom_id res chain seq x y z
N MET A 4 -9.18 23.83 -7.15
CA MET A 4 -8.77 24.11 -8.52
C MET A 4 -9.93 24.04 -9.50
N GLU A 5 -9.88 24.85 -10.57
CA GLU A 5 -10.91 24.82 -11.60
C GLU A 5 -10.62 23.74 -12.63
N SER A 6 -11.68 23.26 -13.28
CA SER A 6 -11.59 22.11 -14.17
C SER A 6 -10.56 22.34 -15.27
N ALA A 7 -10.55 23.53 -15.87
CA ALA A 7 -9.60 23.80 -16.95
C ALA A 7 -8.16 23.87 -16.45
N ASP A 8 -7.94 24.26 -15.18
CA ASP A 8 -6.56 24.24 -14.67
C ASP A 8 -6.08 22.81 -14.47
N LEU A 9 -6.96 21.91 -14.06
CA LEU A 9 -6.56 20.52 -13.91
C LEU A 9 -6.22 19.91 -15.26
N ARG A 10 -6.98 20.27 -16.30
CA ARG A 10 -6.62 19.82 -17.65
C ARG A 10 -5.29 20.42 -18.08
N ALA A 11 -5.03 21.69 -17.73
CA ALA A 11 -3.73 22.28 -18.03
C ALA A 11 -2.61 21.52 -17.34
N LEU A 12 -2.81 21.15 -16.08
CA LEU A 12 -1.78 20.40 -15.36
C LEU A 12 -1.60 19.02 -15.97
N ALA A 13 -2.70 18.36 -16.32
CA ALA A 13 -2.60 17.07 -16.99
C ALA A 13 -1.79 17.17 -18.30
N LYS A 14 -2.09 18.19 -19.11
CA LYS A 14 -1.42 18.31 -20.39
C LYS A 14 0.04 18.66 -20.21
N HIS A 15 0.35 19.53 -19.25
CA HIS A 15 1.74 19.86 -18.93
C HIS A 15 2.51 18.59 -18.58
N LEU A 16 1.94 17.77 -17.69
CA LEU A 16 2.63 16.56 -17.26
C LEU A 16 2.75 15.55 -18.41
N TYR A 17 1.70 15.42 -19.23
CA TYR A 17 1.80 14.52 -20.38
C TYR A 17 2.93 14.93 -21.31
N ASP A 18 2.99 16.21 -21.70
CA ASP A 18 4.07 16.69 -22.57
C ASP A 18 5.45 16.41 -21.98
N SER A 19 5.60 16.64 -20.69
CA SER A 19 6.91 16.45 -20.07
C SER A 19 7.26 14.97 -20.01
N TYR A 20 6.26 14.14 -19.69
CA TYR A 20 6.44 12.69 -19.64
C TYR A 20 6.96 12.16 -20.98
N ILE A 21 6.42 12.65 -22.09
CA ILE A 21 6.87 12.23 -23.43
C ILE A 21 8.34 12.57 -23.65
N LYS A 22 8.78 13.75 -23.21
CA LYS A 22 10.16 14.16 -23.46
C LYS A 22 11.15 13.44 -22.55
N SER A 23 10.73 13.04 -21.34
CA SER A 23 11.65 12.48 -20.35
C SER A 23 11.89 10.99 -20.53
N PHE A 24 10.93 10.25 -20.99
CA PHE A 24 11.17 8.81 -21.02
C PHE A 24 11.37 8.31 -22.45
N PRO A 25 12.30 7.34 -22.68
CA PRO A 25 12.65 6.96 -24.06
C PRO A 25 11.51 6.30 -24.83
N LEU A 26 10.84 5.35 -24.19
CA LEU A 26 9.87 4.48 -24.83
C LEU A 26 8.53 4.61 -24.10
N THR A 27 7.54 5.21 -24.76
CA THR A 27 6.24 5.39 -24.13
C THR A 27 5.46 4.08 -24.07
N LYS A 28 4.38 4.09 -23.27
CA LYS A 28 3.51 2.91 -23.24
C LYS A 28 2.82 2.69 -24.58
N ALA A 29 2.33 3.77 -25.21
CA ALA A 29 1.68 3.65 -26.51
C ALA A 29 2.57 2.95 -27.52
N LYS A 30 3.84 3.38 -27.61
CA LYS A 30 4.74 2.71 -28.55
C LYS A 30 5.09 1.30 -28.06
N ALA A 31 5.37 1.12 -26.77
CA ALA A 31 5.64 -0.22 -26.26
C ALA A 31 4.52 -1.20 -26.58
N ARG A 32 3.26 -0.75 -26.47
CA ARG A 32 2.13 -1.63 -26.77
C ARG A 32 2.12 -2.03 -28.24
N ALA A 33 2.41 -1.08 -29.13
CA ALA A 33 2.48 -1.38 -30.55
C ALA A 33 3.48 -2.50 -30.83
N ILE A 34 4.63 -2.47 -30.15
CA ILE A 34 5.61 -3.52 -30.36
C ILE A 34 5.13 -4.84 -29.78
N LEU A 35 4.57 -4.80 -28.57
CA LEU A 35 4.18 -6.05 -27.92
C LEU A 35 3.03 -6.73 -28.62
N THR A 36 2.05 -5.95 -29.08
CA THR A 36 0.90 -6.54 -29.75
C THR A 36 1.29 -7.07 -31.13
N GLY A 37 2.30 -6.48 -31.75
CA GLY A 37 2.74 -6.91 -33.05
C GLY A 37 2.11 -6.09 -34.15
N LYS A 38 2.07 -4.76 -33.94
CA LYS A 38 1.45 -3.86 -34.88
C LYS A 38 2.47 -2.94 -35.56
N THR A 39 3.39 -2.36 -34.78
CA THR A 39 4.41 -1.38 -35.24
C THR A 39 4.10 -0.67 -36.56
N LYS A 42 10.22 -4.24 -38.46
CA LYS A 42 10.83 -3.62 -37.31
C LYS A 42 10.68 -4.52 -36.07
N SER A 43 10.61 -5.84 -36.30
CA SER A 43 10.41 -6.75 -35.19
C SER A 43 11.59 -6.68 -34.24
N PRO A 44 11.35 -6.65 -32.93
CA PRO A 44 12.46 -6.61 -31.98
C PRO A 44 13.19 -7.95 -31.99
N PHE A 45 14.45 -7.90 -31.56
CA PHE A 45 15.21 -9.14 -31.39
C PHE A 45 14.75 -9.84 -30.12
N VAL A 46 14.48 -11.14 -30.22
CA VAL A 46 13.88 -11.92 -29.13
C VAL A 46 14.98 -12.71 -28.43
N ILE A 47 15.06 -12.55 -27.12
CA ILE A 47 15.98 -13.33 -26.31
C ILE A 47 15.12 -14.30 -25.52
N TYR A 48 15.21 -15.59 -25.87
CA TYR A 48 14.39 -16.63 -25.27
C TYR A 48 15.22 -17.76 -24.65
N ASP A 49 16.55 -17.74 -24.80
CA ASP A 49 17.45 -18.75 -24.24
C ASP A 49 18.90 -18.21 -24.26
N MET A 50 19.85 -19.08 -23.91
CA MET A 50 21.26 -18.68 -23.86
C MET A 50 21.77 -18.27 -25.23
N ASN A 51 21.59 -19.12 -26.23
CA ASN A 51 22.16 -18.89 -27.55
C ASN A 51 21.60 -17.62 -28.18
N SER A 52 20.32 -17.32 -27.94
CA SER A 52 19.74 -16.09 -28.45
C SER A 52 20.24 -14.86 -27.68
N LEU A 53 20.52 -15.01 -26.39
CA LEU A 53 21.20 -13.91 -25.69
C LEU A 53 22.56 -13.66 -26.30
N MET A 54 23.32 -14.73 -26.56
CA MET A 54 24.64 -14.56 -27.13
C MET A 54 24.59 -13.80 -28.45
N MET A 55 23.63 -14.14 -29.31
CA MET A 55 23.58 -13.47 -30.61
C MET A 55 23.08 -12.04 -30.48
N GLY A 56 22.22 -11.77 -29.50
CA GLY A 56 21.70 -10.42 -29.35
C GLY A 56 22.74 -9.43 -28.86
N GLU A 57 23.53 -9.82 -27.86
CA GLU A 57 24.62 -8.97 -27.41
C GLU A 57 25.72 -8.83 -28.46
N ASP A 58 25.81 -9.78 -29.41
CA ASP A 58 26.76 -9.69 -30.52
C ASP A 58 26.24 -8.83 -31.66
N LYS A 59 24.94 -8.92 -31.96
CA LYS A 59 24.37 -8.28 -33.14
C LYS A 59 23.84 -6.89 -32.81
N ILE A 60 23.22 -6.73 -31.65
CA ILE A 60 22.57 -5.47 -31.28
C ILE A 60 23.45 -4.76 -30.26
N LYS A 61 24.16 -5.54 -29.43
CA LYS A 61 25.05 -5.03 -28.38
C LYS A 61 24.27 -4.17 -27.38
N PHE A 62 23.37 -4.83 -26.67
CA PHE A 62 22.64 -4.18 -25.58
C PHE A 62 23.62 -3.80 -24.48
N LYS A 63 23.72 -2.49 -24.19
CA LYS A 63 24.82 -1.99 -23.36
C LYS A 63 24.68 -2.34 -21.87
N HIS A 64 23.49 -2.69 -21.42
CA HIS A 64 23.36 -3.19 -20.06
C HIS A 64 23.63 -4.69 -19.96
N ILE A 65 23.85 -5.38 -21.08
CA ILE A 65 23.99 -6.82 -21.09
C ILE A 65 25.29 -7.24 -21.79
N THR A 66 26.32 -6.35 -21.77
CA THR A 66 27.63 -6.69 -22.33
C THR A 66 28.67 -6.94 -21.24
N PRO A 67 29.65 -7.82 -21.50
CA PRO A 67 30.75 -8.05 -20.54
C PRO A 67 31.45 -6.78 -20.05
N LEU A 68 32.14 -6.91 -18.92
CA LEU A 68 32.75 -5.77 -18.25
C LEU A 68 34.07 -6.16 -17.60
N GLN A 71 31.33 -8.36 -15.19
CA GLN A 71 32.64 -8.88 -14.81
C GLN A 71 32.56 -10.38 -14.58
N SER A 72 31.45 -10.80 -13.98
CA SER A 72 31.11 -12.21 -13.93
C SER A 72 30.83 -12.73 -15.34
N LYS A 73 31.27 -13.95 -15.61
CA LYS A 73 30.88 -14.60 -16.86
C LYS A 73 29.52 -15.26 -16.77
N GLU A 74 28.96 -15.42 -15.58
CA GLU A 74 27.74 -16.18 -15.42
C GLU A 74 26.54 -15.37 -15.88
N VAL A 75 25.68 -16.00 -16.67
CA VAL A 75 24.65 -15.30 -17.43
C VAL A 75 23.56 -14.75 -16.52
N ALA A 76 23.14 -15.54 -15.52
CA ALA A 76 22.08 -15.05 -14.63
C ALA A 76 22.54 -13.83 -13.83
N ILE A 77 23.82 -13.81 -13.43
CA ILE A 77 24.38 -12.64 -12.78
C ILE A 77 24.40 -11.47 -13.75
N ARG A 78 24.81 -11.73 -15.00
CA ARG A 78 24.91 -10.66 -15.99
C ARG A 78 23.54 -10.04 -16.27
N ILE A 79 22.49 -10.87 -16.37
CA ILE A 79 21.14 -10.32 -16.55
C ILE A 79 20.71 -9.53 -15.31
N PHE A 80 20.96 -10.09 -14.13
CA PHE A 80 20.61 -9.40 -12.90
C PHE A 80 21.23 -8.01 -12.85
N GLN A 81 22.53 -7.92 -13.11
CA GLN A 81 23.21 -6.63 -13.10
C GLN A 81 22.67 -5.71 -14.19
N GLY A 82 22.34 -6.26 -15.36
CA GLY A 82 21.71 -5.46 -16.41
C GLY A 82 20.43 -4.77 -15.96
N CYS A 83 19.64 -5.45 -15.13
CA CYS A 83 18.44 -4.80 -14.58
C CYS A 83 18.84 -3.64 -13.68
N GLN A 84 19.87 -3.83 -12.85
CA GLN A 84 20.36 -2.74 -12.00
C GLN A 84 20.79 -1.55 -12.83
N PHE A 85 21.56 -1.81 -13.89
CA PHE A 85 22.10 -0.73 -14.72
C PHE A 85 20.99 0.07 -15.38
N ARG A 86 19.96 -0.60 -15.90
CA ARG A 86 18.85 0.12 -16.51
C ARG A 86 18.05 0.89 -15.47
N SER A 87 17.91 0.32 -14.28
CA SER A 87 17.22 1.03 -13.21
C SER A 87 17.92 2.34 -12.90
N VAL A 88 19.26 2.33 -12.92
CA VAL A 88 20.00 3.55 -12.67
C VAL A 88 19.77 4.57 -13.77
N GLU A 89 19.68 4.15 -15.04
CA GLU A 89 19.33 5.12 -16.08
C GLU A 89 17.98 5.73 -15.83
N ALA A 90 16.99 4.91 -15.49
CA ALA A 90 15.63 5.40 -15.30
C ALA A 90 15.58 6.44 -14.20
N VAL A 91 16.38 6.27 -13.14
CA VAL A 91 16.42 7.23 -12.05
C VAL A 91 16.69 8.65 -12.57
N GLN A 92 17.67 8.80 -13.47
CA GLN A 92 17.90 10.12 -14.05
C GLN A 92 16.71 10.59 -14.87
N GLU A 93 16.04 9.69 -15.59
CA GLU A 93 14.88 10.13 -16.35
C GLU A 93 13.75 10.57 -15.43
N ILE A 94 13.48 9.81 -14.36
CA ILE A 94 12.46 10.19 -13.38
C ILE A 94 12.82 11.52 -12.72
N THR A 95 14.09 11.70 -12.40
CA THR A 95 14.55 12.94 -11.78
C THR A 95 14.32 14.13 -12.70
N GLU A 96 14.57 13.96 -14.00
CA GLU A 96 14.30 15.04 -14.93
C GLU A 96 12.80 15.34 -15.01
N TYR A 97 11.97 14.28 -15.05
CA TYR A 97 10.53 14.47 -15.09
C TYR A 97 10.03 15.18 -13.83
N ALA A 98 10.54 14.79 -12.66
CA ALA A 98 10.15 15.43 -11.41
C ALA A 98 10.29 16.95 -11.45
N LYS A 99 11.39 17.44 -12.04
CA LYS A 99 11.63 18.88 -12.07
C LYS A 99 10.56 19.62 -12.85
N SER A 100 9.86 18.95 -13.76
CA SER A 100 8.79 19.61 -14.51
C SER A 100 7.47 19.63 -13.76
N ILE A 101 7.36 18.94 -12.63
CA ILE A 101 6.13 18.96 -11.87
C ILE A 101 5.97 20.35 -11.23
N PRO A 102 4.91 21.09 -11.54
CA PRO A 102 4.75 22.43 -10.96
C PRO A 102 4.85 22.40 -9.45
N GLY A 103 5.77 23.21 -8.91
CA GLY A 103 5.99 23.34 -7.50
C GLY A 103 7.19 22.55 -6.98
N PHE A 104 7.62 21.51 -7.70
CA PHE A 104 8.62 20.59 -7.16
C PHE A 104 9.96 21.29 -6.92
N VAL A 105 10.45 22.05 -7.91
CA VAL A 105 11.77 22.65 -7.72
C VAL A 105 11.74 23.73 -6.66
N ASN A 106 10.57 24.22 -6.30
CA ASN A 106 10.47 25.21 -5.23
C ASN A 106 10.51 24.59 -3.85
N LEU A 107 10.44 23.27 -3.73
CA LEU A 107 10.54 22.65 -2.43
C LEU A 107 11.97 22.76 -1.90
N ASP A 108 12.11 22.64 -0.58
CA ASP A 108 13.40 22.49 0.06
C ASP A 108 14.26 21.46 -0.68
N LEU A 109 15.55 21.76 -0.84
CA LEU A 109 16.37 20.91 -1.70
C LEU A 109 16.50 19.50 -1.11
N ASN A 110 16.73 19.41 0.20
CA ASN A 110 16.80 18.11 0.86
C ASN A 110 15.52 17.32 0.68
N ASP A 111 14.36 18.00 0.69
CA ASP A 111 13.10 17.28 0.49
C ASP A 111 12.99 16.76 -0.93
N GLN A 112 13.44 17.54 -1.92
CA GLN A 112 13.50 17.04 -3.29
C GLN A 112 14.30 15.75 -3.35
N VAL A 113 15.48 15.73 -2.73
CA VAL A 113 16.29 14.51 -2.73
C VAL A 113 15.55 13.38 -2.03
N THR A 114 14.99 13.67 -0.84
CA THR A 114 14.27 12.64 -0.09
C THR A 114 13.11 12.04 -0.89
N LEU A 115 12.31 12.89 -1.56
CA LEU A 115 11.18 12.39 -2.34
C LEU A 115 11.65 11.51 -3.47
N LEU A 116 12.70 11.92 -4.19
CA LEU A 116 13.21 11.11 -5.29
C LEU A 116 13.77 9.79 -4.76
N LYS A 117 14.60 9.86 -3.72
CA LYS A 117 15.19 8.67 -3.11
C LYS A 117 14.15 7.62 -2.77
N TYR A 118 13.08 8.00 -2.08
CA TYR A 118 12.11 7.02 -1.64
C TYR A 118 11.02 6.74 -2.67
N GLY A 119 11.01 7.42 -3.80
CA GLY A 119 9.97 7.24 -4.80
C GLY A 119 10.37 6.43 -6.03
N VAL A 120 11.67 6.44 -6.35
CA VAL A 120 12.12 5.89 -7.62
C VAL A 120 11.78 4.41 -7.75
N HIS A 121 11.86 3.64 -6.65
CA HIS A 121 11.56 2.22 -6.75
C HIS A 121 10.11 2.01 -7.18
N GLU A 122 9.18 2.71 -6.54
CA GLU A 122 7.77 2.57 -6.89
C GLU A 122 7.51 3.00 -8.31
N ILE A 123 8.23 4.03 -8.78
CA ILE A 123 7.98 4.51 -10.13
C ILE A 123 8.60 3.57 -11.16
N ILE A 124 9.78 3.03 -10.87
CA ILE A 124 10.40 2.10 -11.80
C ILE A 124 9.50 0.87 -12.00
N TYR A 125 8.99 0.29 -10.91
CA TYR A 125 8.06 -0.83 -11.03
C TYR A 125 6.85 -0.45 -11.89
N THR A 126 6.25 0.71 -11.61
CA THR A 126 5.08 1.17 -12.36
C THR A 126 5.39 1.26 -13.84
N MET A 127 6.52 1.89 -14.17
CA MET A 127 6.77 2.13 -15.57
C MET A 127 7.29 0.87 -16.26
N LEU A 128 7.87 -0.05 -15.50
CA LEU A 128 8.29 -1.33 -16.04
C LEU A 128 7.11 -2.09 -16.65
N ALA A 129 5.95 -2.02 -15.99
CA ALA A 129 4.75 -2.68 -16.48
C ALA A 129 4.41 -2.24 -17.90
N SER A 130 4.65 -0.98 -18.25
CA SER A 130 4.36 -0.49 -19.60
C SER A 130 5.14 -1.25 -20.66
N LEU A 131 6.33 -1.76 -20.32
CA LEU A 131 7.18 -2.50 -21.25
C LEU A 131 6.96 -4.00 -21.15
N MET A 132 5.99 -4.45 -20.36
CA MET A 132 5.81 -5.86 -20.09
C MET A 132 4.43 -6.31 -20.55
N ASN A 133 4.35 -7.56 -21.01
CA ASN A 133 3.09 -8.28 -21.02
C ASN A 133 3.31 -9.63 -20.35
N LYS A 134 2.34 -10.52 -20.46
CA LYS A 134 2.46 -11.79 -19.77
C LYS A 134 3.58 -12.66 -20.30
N ASP A 135 4.15 -12.34 -21.46
CA ASP A 135 5.15 -13.18 -22.13
C ASP A 135 6.58 -12.65 -22.08
N GLY A 136 6.80 -11.37 -21.80
CA GLY A 136 8.15 -10.87 -21.71
C GLY A 136 8.17 -9.35 -21.56
N VAL A 137 9.39 -8.79 -21.72
CA VAL A 137 9.66 -7.38 -21.43
C VAL A 137 10.48 -6.77 -22.57
N LEU A 138 10.12 -5.56 -22.98
CA LEU A 138 10.92 -4.81 -23.94
C LEU A 138 12.20 -4.30 -23.28
N ILE A 139 13.31 -4.35 -24.02
CA ILE A 139 14.57 -3.77 -23.55
C ILE A 139 15.17 -2.95 -24.69
N SER A 140 16.17 -2.13 -24.33
CA SER A 140 16.87 -1.25 -25.26
C SER A 140 15.90 -0.44 -26.12
N GLU A 141 15.07 0.33 -25.43
CA GLU A 141 14.13 1.23 -26.08
C GLU A 141 13.30 0.48 -27.13
N GLY A 142 12.90 -0.75 -26.78
CA GLY A 142 12.04 -1.53 -27.63
C GLY A 142 12.72 -2.35 -28.70
N GLN A 143 14.05 -2.33 -28.78
CA GLN A 143 14.73 -3.10 -29.82
C GLN A 143 14.84 -4.58 -29.49
N GLY A 144 14.79 -4.94 -28.21
CA GLY A 144 14.84 -6.33 -27.83
C GLY A 144 13.61 -6.70 -27.05
N PHE A 145 13.34 -8.00 -26.93
CA PHE A 145 12.21 -8.53 -26.15
C PHE A 145 12.71 -9.79 -25.47
N MET A 146 12.82 -9.76 -24.15
CA MET A 146 13.31 -10.91 -23.40
C MET A 146 12.11 -11.62 -22.80
N THR A 147 12.02 -12.94 -23.02
CA THR A 147 10.83 -13.67 -22.63
C THR A 147 10.76 -13.85 -21.12
N ARG A 148 9.54 -13.92 -20.62
CA ARG A 148 9.30 -14.21 -19.22
C ARG A 148 9.86 -15.57 -18.82
N GLU A 149 9.69 -16.57 -19.68
CA GLU A 149 10.14 -17.93 -19.36
C GLU A 149 11.65 -17.97 -19.23
N PHE A 150 12.36 -17.29 -20.13
CA PHE A 150 13.81 -17.26 -20.01
C PHE A 150 14.25 -16.59 -18.71
N LEU A 151 13.64 -15.46 -18.36
CA LEU A 151 13.98 -14.77 -17.13
C LEU A 151 13.65 -15.61 -15.91
N LYS A 152 12.43 -16.17 -15.87
CA LYS A 152 11.98 -16.96 -14.72
C LYS A 152 12.78 -18.24 -14.56
N SER A 153 13.42 -18.73 -15.61
CA SER A 153 14.16 -19.98 -15.52
C SER A 153 15.62 -19.79 -15.09
N LEU A 154 16.09 -18.57 -14.88
CA LEU A 154 17.46 -18.38 -14.41
C LEU A 154 17.64 -19.01 -13.03
N ARG A 155 18.88 -19.41 -12.74
CA ARG A 155 19.15 -20.29 -11.61
C ARG A 155 18.70 -19.67 -10.29
N LYS A 156 18.55 -20.55 -9.28
CA LYS A 156 17.71 -20.44 -8.10
C LYS A 156 17.40 -19.02 -7.65
N PRO A 157 18.38 -18.23 -7.17
CA PRO A 157 17.98 -16.90 -6.66
C PRO A 157 17.45 -15.98 -7.75
N PHE A 158 18.05 -16.00 -8.93
CA PHE A 158 17.77 -14.96 -9.92
C PHE A 158 16.42 -15.17 -10.61
N GLY A 159 16.06 -16.42 -10.91
CA GLY A 159 14.76 -16.69 -11.50
C GLY A 159 13.62 -16.09 -10.71
N ASP A 160 13.60 -16.33 -9.40
CA ASP A 160 12.53 -15.86 -8.53
C ASP A 160 12.65 -14.37 -8.21
N PHE A 161 13.75 -13.73 -8.59
CA PHE A 161 13.83 -12.27 -8.49
C PHE A 161 13.11 -11.58 -9.63
N MET A 162 13.11 -12.20 -10.81
CA MET A 162 12.51 -11.60 -12.01
C MET A 162 11.00 -11.75 -12.04
N GLU A 163 10.51 -12.95 -11.69
CA GLU A 163 9.09 -13.26 -11.88
C GLU A 163 8.13 -12.33 -11.14
N PRO A 164 8.34 -11.93 -9.87
CA PRO A 164 7.38 -11.03 -9.23
C PRO A 164 7.11 -9.74 -9.99
N LYS A 165 8.09 -9.24 -10.75
CA LYS A 165 7.89 -8.05 -11.58
C LYS A 165 6.81 -8.27 -12.63
N PHE A 166 6.86 -9.44 -13.30
CA PHE A 166 5.82 -9.78 -14.27
C PHE A 166 4.47 -9.93 -13.57
N GLU A 167 4.46 -10.54 -12.38
CA GLU A 167 3.18 -10.76 -11.72
C GLU A 167 2.51 -9.45 -11.37
N PHE A 168 3.29 -8.48 -10.88
CA PHE A 168 2.76 -7.14 -10.67
C PHE A 168 2.28 -6.53 -11.98
N ALA A 169 3.14 -6.53 -13.00
CA ALA A 169 2.83 -5.87 -14.26
C ALA A 169 1.53 -6.37 -14.86
N VAL A 170 1.32 -7.69 -14.85
CA VAL A 170 0.10 -8.25 -15.44
C VAL A 170 -1.15 -7.71 -14.76
N LYS A 171 -1.13 -7.64 -13.42
CA LYS A 171 -2.24 -7.08 -12.66
C LYS A 171 -2.40 -5.59 -12.93
N PHE A 172 -1.29 -4.84 -12.90
CA PHE A 172 -1.38 -3.40 -13.12
C PHE A 172 -1.85 -3.07 -14.54
N ASN A 173 -1.38 -3.82 -15.54
CA ASN A 173 -1.75 -3.54 -16.93
C ASN A 173 -3.22 -3.77 -17.20
N ALA A 174 -3.89 -4.61 -16.38
CA ALA A 174 -5.34 -4.80 -16.54
C ALA A 174 -6.12 -3.51 -16.27
N LEU A 175 -5.52 -2.50 -15.64
CA LEU A 175 -6.22 -1.23 -15.54
C LEU A 175 -6.25 -0.49 -16.87
N GLU A 176 -5.37 -0.86 -17.81
CA GLU A 176 -5.35 -0.27 -19.15
C GLU A 176 -5.19 1.25 -19.10
N LEU A 177 -4.27 1.70 -18.26
CA LEU A 177 -3.94 3.12 -18.24
C LEU A 177 -3.13 3.44 -19.48
N ASP A 178 -3.29 4.66 -19.98
CA ASP A 178 -2.40 5.15 -21.03
C ASP A 178 -1.44 6.18 -20.45
N ASP A 179 -0.57 6.70 -21.32
CA ASP A 179 0.50 7.60 -20.92
C ASP A 179 -0.04 8.87 -20.25
N SER A 180 -1.13 9.43 -20.76
CA SER A 180 -1.66 10.63 -20.12
C SER A 180 -2.15 10.33 -18.70
N ASP A 181 -2.69 9.12 -18.46
CA ASP A 181 -3.00 8.74 -17.08
C ASP A 181 -1.72 8.59 -16.26
N LEU A 182 -0.73 7.86 -16.81
CA LEU A 182 0.45 7.50 -16.02
C LEU A 182 1.27 8.73 -15.62
N ALA A 183 1.35 9.73 -16.50
CA ALA A 183 2.12 10.93 -16.21
C ALA A 183 1.67 11.58 -14.91
N ILE A 184 0.35 11.69 -14.71
CA ILE A 184 -0.15 12.27 -13.47
C ILE A 184 0.05 11.30 -12.31
N PHE A 185 -0.16 9.99 -12.54
CA PHE A 185 0.00 9.00 -11.49
C PHE A 185 1.42 8.99 -10.93
N ILE A 186 2.42 9.00 -11.82
CA ILE A 186 3.82 9.04 -11.41
C ILE A 186 4.08 10.29 -10.57
N ALA A 187 3.55 11.43 -11.02
CA ALA A 187 3.68 12.66 -10.25
C ALA A 187 3.13 12.51 -8.84
N VAL A 188 1.96 11.86 -8.69
CA VAL A 188 1.36 11.64 -7.38
C VAL A 188 2.31 10.83 -6.49
N ILE A 189 2.94 9.78 -7.04
CA ILE A 189 3.87 8.99 -6.24
C ILE A 189 5.02 9.85 -5.73
N ILE A 190 5.56 10.70 -6.60
CA ILE A 190 6.72 11.51 -6.22
C ILE A 190 6.35 12.42 -5.07
N LEU A 191 5.18 13.03 -5.13
CA LEU A 191 4.77 14.00 -4.11
C LEU A 191 4.10 13.33 -2.92
N SER A 192 4.75 12.31 -2.37
CA SER A 192 4.24 11.62 -1.18
C SER A 192 4.74 12.29 0.09
N GLY A 193 3.83 12.79 0.89
CA GLY A 193 4.27 13.47 2.09
C GLY A 193 4.69 12.58 3.24
N ASP A 194 4.56 11.25 3.14
CA ASP A 194 4.92 10.38 4.25
C ASP A 194 6.30 9.74 4.09
N ARG A 195 7.14 10.28 3.21
CA ARG A 195 8.48 9.74 3.11
C ARG A 195 9.26 10.09 4.38
N PRO A 196 10.10 9.19 4.86
CA PRO A 196 10.86 9.46 6.09
C PRO A 196 11.86 10.59 5.88
N GLY A 197 11.95 11.45 6.89
CA GLY A 197 12.94 12.52 6.94
C GLY A 197 12.56 13.80 6.23
N LEU A 198 11.32 13.92 5.76
CA LEU A 198 10.89 15.15 5.11
C LEU A 198 10.90 16.31 6.11
N LEU A 199 11.30 17.49 5.65
CA LEU A 199 11.40 18.62 6.55
C LEU A 199 10.14 19.47 6.54
N ASN A 200 9.52 19.63 5.36
CA ASN A 200 8.35 20.49 5.19
C ASN A 200 7.26 19.73 4.41
N VAL A 201 6.45 18.94 5.11
CA VAL A 201 5.46 18.09 4.47
C VAL A 201 4.36 18.93 3.81
N LYS A 202 4.00 20.07 4.39
CA LYS A 202 2.83 20.79 3.94
C LYS A 202 2.87 21.15 2.46
N PRO A 203 3.91 21.77 1.92
CA PRO A 203 3.91 22.06 0.47
C PRO A 203 3.90 20.81 -0.39
N ILE A 204 4.39 19.68 0.10
CA ILE A 204 4.37 18.44 -0.67
C ILE A 204 2.93 17.91 -0.76
N GLU A 205 2.20 17.92 0.34
CA GLU A 205 0.81 17.48 0.29
C GLU A 205 -0.03 18.46 -0.50
N ASP A 206 0.29 19.76 -0.41
CA ASP A 206 -0.43 20.75 -1.20
C ASP A 206 -0.33 20.42 -2.68
N ILE A 207 0.87 20.07 -3.14
CA ILE A 207 1.04 19.72 -4.53
C ILE A 207 0.34 18.40 -4.85
N GLN A 208 0.49 17.40 -3.98
CA GLN A 208 -0.16 16.12 -4.25
C GLN A 208 -1.66 16.28 -4.35
N ASP A 209 -2.23 17.15 -3.51
CA ASP A 209 -3.66 17.43 -3.57
C ASP A 209 -4.06 17.94 -4.95
N ASN A 210 -3.28 18.85 -5.54
CA ASN A 210 -3.59 19.30 -6.90
C ASN A 210 -3.47 18.17 -7.90
N LEU A 211 -2.39 17.38 -7.78
CA LEU A 211 -2.16 16.29 -8.71
C LEU A 211 -3.26 15.23 -8.61
N LEU A 212 -3.72 14.93 -7.40
CA LEU A 212 -4.79 13.96 -7.22
C LEU A 212 -6.08 14.45 -7.87
N GLN A 213 -6.38 15.74 -7.72
CA GLN A 213 -7.53 16.33 -8.43
C GLN A 213 -7.40 16.14 -9.93
N ALA A 214 -6.21 16.35 -10.48
CA ALA A 214 -6.04 16.22 -11.92
C ALA A 214 -6.15 14.77 -12.34
N LEU A 215 -5.63 13.85 -11.53
CA LEU A 215 -5.73 12.44 -11.86
C LEU A 215 -7.18 11.99 -11.85
N GLU A 216 -7.93 12.41 -10.82
CA GLU A 216 -9.36 12.07 -10.74
C GLU A 216 -10.11 12.52 -11.99
N LEU A 217 -9.95 13.78 -12.39
CA LEU A 217 -10.65 14.30 -13.56
C LEU A 217 -10.17 13.62 -14.84
N GLN A 218 -8.86 13.45 -14.98
CA GLN A 218 -8.30 12.76 -16.15
C GLN A 218 -8.94 11.40 -16.34
N LEU A 219 -9.01 10.59 -15.26
CA LEU A 219 -9.54 9.24 -15.35
C LEU A 219 -11.03 9.24 -15.66
N LYS A 220 -11.78 10.20 -15.12
CA LYS A 220 -13.20 10.29 -15.44
C LYS A 220 -13.40 10.59 -16.91
N LEU A 221 -12.58 11.47 -17.49
CA LEU A 221 -12.75 11.85 -18.89
C LEU A 221 -12.17 10.81 -19.84
N ASN A 222 -11.07 10.18 -19.46
CA ASN A 222 -10.40 9.22 -20.34
C ASN A 222 -11.00 7.82 -20.24
N HIS A 223 -11.68 7.51 -19.13
CA HIS A 223 -12.27 6.19 -18.90
C HIS A 223 -13.64 6.36 -18.24
N PRO A 224 -14.60 6.97 -18.95
CA PRO A 224 -15.90 7.25 -18.30
C PRO A 224 -16.66 6.01 -17.92
N GLU A 225 -16.37 4.87 -18.58
CA GLU A 225 -17.04 3.61 -18.31
C GLU A 225 -16.40 2.84 -17.19
N SER A 226 -15.19 3.23 -16.79
CA SER A 226 -14.38 2.50 -15.81
C SER A 226 -14.70 3.06 -14.44
N SER A 227 -15.73 2.49 -13.81
CA SER A 227 -16.22 2.99 -12.53
C SER A 227 -15.14 2.89 -11.47
N GLN A 228 -14.99 3.97 -10.69
CA GLN A 228 -14.05 4.04 -9.57
C GLN A 228 -12.63 3.67 -9.96
N LEU A 229 -12.22 4.00 -11.18
CA LEU A 229 -10.86 3.70 -11.59
C LEU A 229 -9.85 4.46 -10.75
N PHE A 230 -10.18 5.70 -10.36
CA PHE A 230 -9.37 6.48 -9.43
C PHE A 230 -9.04 5.67 -8.17
N ALA A 231 -10.09 5.24 -7.46
CA ALA A 231 -9.91 4.45 -6.26
C ALA A 231 -9.07 3.20 -6.52
N LYS A 232 -9.35 2.49 -7.62
CA LYS A 232 -8.62 1.25 -7.93
C LYS A 232 -7.13 1.53 -8.15
N LEU A 233 -6.82 2.65 -8.80
CA LEU A 233 -5.42 2.99 -9.06
C LEU A 233 -4.72 3.38 -7.76
N LEU A 234 -5.40 4.07 -6.85
CA LEU A 234 -4.79 4.37 -5.55
C LEU A 234 -4.61 3.09 -4.74
N GLN A 235 -5.50 2.11 -4.88
CA GLN A 235 -5.27 0.84 -4.18
C GLN A 235 -4.05 0.11 -4.72
N LYS A 236 -3.64 0.40 -5.97
CA LYS A 236 -2.42 -0.19 -6.50
C LYS A 236 -1.19 0.33 -5.78
N MET A 237 -1.26 1.54 -5.22
CA MET A 237 -0.14 2.01 -4.41
C MET A 237 0.08 1.13 -3.20
N THR A 238 -0.92 0.34 -2.80
CA THR A 238 -0.67 -0.70 -1.82
C THR A 238 0.20 -1.81 -2.40
N ASP A 239 -0.14 -2.31 -3.59
CA ASP A 239 0.71 -3.31 -4.22
C ASP A 239 2.14 -2.80 -4.40
N LEU A 240 2.31 -1.50 -4.72
CA LEU A 240 3.64 -1.00 -5.00
C LEU A 240 4.50 -0.95 -3.75
N ARG A 241 3.92 -0.48 -2.65
CA ARG A 241 4.65 -0.42 -1.39
C ARG A 241 5.14 -1.81 -0.98
N GLN A 242 4.24 -2.80 -1.06
CA GLN A 242 4.58 -4.16 -0.64
C GLN A 242 5.70 -4.75 -1.49
N ILE A 243 5.57 -4.68 -2.82
CA ILE A 243 6.57 -5.29 -3.70
C ILE A 243 7.93 -4.60 -3.54
N VAL A 244 7.95 -3.27 -3.39
CA VAL A 244 9.24 -2.60 -3.16
C VAL A 244 9.90 -3.13 -1.88
N THR A 245 9.14 -3.32 -0.79
CA THR A 245 9.76 -3.86 0.42
C THR A 245 10.27 -5.28 0.19
N GLU A 246 9.49 -6.11 -0.51
CA GLU A 246 9.95 -7.46 -0.86
C GLU A 246 11.23 -7.42 -1.67
N HIS A 247 11.27 -6.53 -2.66
CA HIS A 247 12.42 -6.39 -3.54
C HIS A 247 13.70 -6.14 -2.74
N VAL A 248 13.64 -5.19 -1.80
CA VAL A 248 14.80 -4.88 -0.97
C VAL A 248 15.24 -6.11 -0.18
N GLN A 249 14.28 -6.84 0.39
CA GLN A 249 14.60 -8.08 1.10
C GLN A 249 15.21 -9.11 0.16
N LEU A 250 14.81 -9.12 -1.11
CA LEU A 250 15.37 -10.07 -2.04
C LEU A 250 16.82 -9.71 -2.37
N LEU A 251 17.12 -8.43 -2.56
CA LEU A 251 18.50 -8.01 -2.84
C LEU A 251 19.46 -8.41 -1.71
N GLN A 252 19.09 -8.13 -0.46
CA GLN A 252 19.99 -8.43 0.67
C GLN A 252 20.37 -9.90 0.69
N VAL A 253 19.41 -10.78 0.43
CA VAL A 253 19.72 -12.21 0.40
C VAL A 253 20.72 -12.51 -0.71
N ILE A 254 20.55 -11.89 -1.89
CA ILE A 254 21.49 -12.11 -2.99
C ILE A 254 22.88 -11.61 -2.59
N LYS A 255 22.95 -10.38 -2.06
CA LYS A 255 24.23 -9.81 -1.64
C LYS A 255 24.94 -10.69 -0.63
N LYS A 256 24.20 -11.23 0.35
CA LYS A 256 24.80 -12.06 1.40
C LYS A 256 25.16 -13.47 0.94
N THR A 257 24.73 -13.90 -0.24
CA THR A 257 24.99 -15.26 -0.72
C THR A 257 25.94 -15.31 -1.91
N GLU A 258 25.78 -14.41 -2.86
CA GLU A 258 26.52 -14.44 -4.10
C GLU A 258 27.75 -13.53 -3.96
N THR A 259 28.93 -14.12 -4.09
CA THR A 259 30.19 -13.35 -4.09
C THR A 259 30.91 -13.35 -5.43
N ASP A 260 30.39 -14.07 -6.44
CA ASP A 260 30.74 -13.87 -7.84
C ASP A 260 30.16 -12.58 -8.42
N MET A 261 29.72 -11.65 -7.55
CA MET A 261 29.05 -10.42 -7.97
C MET A 261 29.93 -9.18 -8.01
N SER A 262 31.23 -9.28 -7.77
CA SER A 262 32.02 -8.06 -7.67
C SER A 262 32.33 -7.45 -9.04
N LEU A 263 32.12 -6.13 -9.12
CA LEU A 263 32.37 -5.25 -10.26
C LEU A 263 33.54 -4.32 -9.92
N HIS A 264 34.01 -3.59 -10.92
CA HIS A 264 34.97 -2.52 -10.65
C HIS A 264 34.39 -1.59 -9.58
N PRO A 265 35.17 -1.22 -8.56
CA PRO A 265 34.62 -0.39 -7.47
C PRO A 265 33.94 0.89 -7.93
N LEU A 266 34.42 1.52 -9.01
CA LEU A 266 33.71 2.66 -9.58
C LEU A 266 32.31 2.23 -10.06
N LEU A 267 32.23 1.09 -10.72
CA LEU A 267 30.92 0.60 -11.14
C LEU A 267 30.02 0.35 -9.94
N GLN A 268 30.58 -0.27 -8.89
CA GLN A 268 29.84 -0.47 -7.66
C GLN A 268 29.34 0.85 -7.08
N GLU A 269 30.18 1.89 -7.10
CA GLU A 269 29.73 3.18 -6.60
C GLU A 269 28.58 3.72 -7.45
N ILE A 270 28.72 3.70 -8.77
CA ILE A 270 27.67 4.26 -9.63
C ILE A 270 26.36 3.54 -9.37
N TYR A 271 26.38 2.21 -9.47
CA TYR A 271 25.21 1.35 -9.46
C TYR A 271 24.89 0.82 -8.07
N LYS A 272 25.22 1.60 -7.03
CA LYS A 272 24.99 1.18 -5.65
C LYS A 272 23.48 1.11 -5.36
N HIS B 3 -22.74 3.96 -11.18
CA HIS B 3 -23.57 2.77 -11.12
C HIS B 3 -24.83 2.99 -10.27
N MET B 4 -24.68 3.59 -9.09
CA MET B 4 -25.78 3.84 -8.18
C MET B 4 -26.16 5.32 -8.18
N GLU B 5 -27.43 5.60 -7.91
CA GLU B 5 -27.94 6.96 -7.81
C GLU B 5 -27.66 7.54 -6.43
N SER B 6 -27.63 8.88 -6.37
CA SER B 6 -27.19 9.57 -5.17
C SER B 6 -28.00 9.17 -3.94
N ALA B 7 -29.34 9.07 -4.07
CA ALA B 7 -30.16 8.73 -2.92
C ALA B 7 -29.94 7.28 -2.46
N ASP B 8 -29.59 6.39 -3.39
CA ASP B 8 -29.23 5.03 -2.99
C ASP B 8 -27.89 4.98 -2.26
N LEU B 9 -26.96 5.86 -2.64
CA LEU B 9 -25.68 5.92 -1.92
C LEU B 9 -25.87 6.44 -0.49
N ARG B 10 -26.76 7.42 -0.31
CA ARG B 10 -27.06 7.85 1.04
C ARG B 10 -27.77 6.76 1.82
N ALA B 11 -28.66 6.04 1.15
CA ALA B 11 -29.34 4.91 1.79
C ALA B 11 -28.34 3.87 2.28
N LEU B 12 -27.32 3.58 1.46
CA LEU B 12 -26.31 2.58 1.84
C LEU B 12 -25.45 3.09 3.00
N ALA B 13 -25.06 4.36 2.99
CA ALA B 13 -24.29 4.91 4.11
C ALA B 13 -25.05 4.75 5.42
N LYS B 14 -26.34 5.08 5.41
CA LYS B 14 -27.15 4.99 6.62
C LYS B 14 -27.31 3.54 7.06
N HIS B 15 -27.51 2.62 6.13
CA HIS B 15 -27.55 1.19 6.49
C HIS B 15 -26.27 0.77 7.18
N LEU B 16 -25.11 1.09 6.60
CA LEU B 16 -23.85 0.61 7.15
C LEU B 16 -23.55 1.25 8.51
N TYR B 17 -23.87 2.53 8.67
CA TYR B 17 -23.69 3.20 9.96
C TYR B 17 -24.55 2.55 11.03
N ASP B 18 -25.83 2.34 10.71
CA ASP B 18 -26.76 1.69 11.63
C ASP B 18 -26.25 0.31 12.08
N SER B 19 -25.72 -0.49 11.16
CA SER B 19 -25.22 -1.82 11.52
C SER B 19 -23.93 -1.72 12.33
N TYR B 20 -23.07 -0.77 11.95
CA TYR B 20 -21.85 -0.50 12.71
C TYR B 20 -22.17 -0.21 14.18
N ILE B 21 -23.16 0.65 14.42
CA ILE B 21 -23.58 0.95 15.79
C ILE B 21 -24.05 -0.32 16.47
N LYS B 22 -24.78 -1.17 15.75
CA LYS B 22 -25.34 -2.36 16.37
C LYS B 22 -24.26 -3.41 16.65
N SER B 23 -23.21 -3.45 15.83
CA SER B 23 -22.18 -4.48 15.94
C SER B 23 -21.05 -4.11 16.89
N PHE B 24 -20.70 -2.83 17.03
CA PHE B 24 -19.52 -2.51 17.84
C PHE B 24 -19.92 -1.84 19.14
N PRO B 25 -19.43 -2.36 20.27
CA PRO B 25 -19.90 -1.87 21.58
C PRO B 25 -19.49 -0.44 21.85
N LEU B 26 -18.25 -0.10 21.54
CA LEU B 26 -17.65 1.17 21.90
C LEU B 26 -17.29 1.89 20.62
N THR B 27 -18.10 2.90 20.26
CA THR B 27 -17.89 3.74 19.09
C THR B 27 -16.83 4.80 19.34
N LYS B 28 -16.39 5.44 18.25
CA LYS B 28 -15.46 6.55 18.36
C LYS B 28 -16.09 7.74 19.09
N ALA B 29 -17.37 8.01 18.82
CA ALA B 29 -18.06 9.09 19.53
C ALA B 29 -17.99 8.91 21.04
N LYS B 30 -18.28 7.70 21.53
CA LYS B 30 -18.18 7.46 22.97
C LYS B 30 -16.73 7.50 23.44
N ALA B 31 -15.81 6.89 22.68
CA ALA B 31 -14.40 6.94 23.03
C ALA B 31 -13.90 8.37 23.16
N ARG B 32 -14.26 9.25 22.22
CA ARG B 32 -13.81 10.64 22.30
C ARG B 32 -14.39 11.35 23.51
N ALA B 33 -15.66 11.10 23.83
CA ALA B 33 -16.25 11.72 25.00
C ALA B 33 -15.51 11.31 26.27
N ILE B 34 -15.12 10.04 26.37
CA ILE B 34 -14.34 9.61 27.54
C ILE B 34 -12.95 10.23 27.51
N LEU B 35 -12.31 10.24 26.34
CA LEU B 35 -10.93 10.74 26.30
C LEU B 35 -10.85 12.24 26.58
N THR B 36 -11.77 13.03 26.03
CA THR B 36 -11.71 14.46 26.22
C THR B 36 -11.98 14.83 27.68
N GLY B 37 -12.85 14.09 28.33
CA GLY B 37 -13.15 14.34 29.73
C GLY B 37 -14.31 15.30 29.86
N LYS B 38 -14.15 16.28 30.76
CA LYS B 38 -15.20 17.26 31.06
C LYS B 38 -16.38 16.58 31.73
N THR B 39 -16.42 15.24 31.72
CA THR B 39 -17.53 14.48 32.28
C THR B 39 -17.07 13.80 33.57
N THR B 40 -17.95 13.82 34.58
CA THR B 40 -17.65 13.11 35.83
C THR B 40 -18.03 11.63 35.78
N ASP B 41 -19.03 11.25 34.95
CA ASP B 41 -19.51 9.86 35.00
C ASP B 41 -18.68 8.91 34.14
N LYS B 42 -18.08 9.37 33.05
CA LYS B 42 -17.40 8.47 32.14
C LYS B 42 -15.89 8.47 32.32
N SER B 43 -15.38 8.89 33.46
CA SER B 43 -13.93 8.98 33.65
C SER B 43 -13.28 7.63 33.80
N PRO B 44 -12.21 7.34 33.06
CA PRO B 44 -11.51 6.07 33.20
C PRO B 44 -10.51 6.07 34.33
N PHE B 45 -10.27 4.87 34.88
CA PHE B 45 -9.14 4.65 35.76
C PHE B 45 -7.87 4.48 34.91
N VAL B 46 -6.80 5.17 35.28
CA VAL B 46 -5.59 5.23 34.45
C VAL B 46 -4.54 4.27 35.00
N ILE B 47 -4.06 3.39 34.12
CA ILE B 47 -2.98 2.46 34.42
C ILE B 47 -1.72 2.99 33.75
N TYR B 48 -0.76 3.42 34.57
CA TYR B 48 0.48 4.01 34.09
C TYR B 48 1.72 3.30 34.64
N ASP B 49 1.55 2.33 35.53
CA ASP B 49 2.67 1.60 36.14
C ASP B 49 2.13 0.32 36.78
N MET B 50 3.03 -0.43 37.42
CA MET B 50 2.67 -1.71 38.01
C MET B 50 1.61 -1.56 39.10
N ASN B 51 1.84 -0.65 40.05
CA ASN B 51 0.91 -0.53 41.17
C ASN B 51 -0.48 -0.12 40.70
N SER B 52 -0.54 0.75 39.69
CA SER B 52 -1.85 1.16 39.19
C SER B 52 -2.49 0.03 38.40
N LEU B 53 -1.69 -0.80 37.72
CA LEU B 53 -2.25 -2.00 37.12
C LEU B 53 -2.83 -2.91 38.19
N MET B 54 -2.11 -3.05 39.31
CA MET B 54 -2.58 -3.89 40.41
C MET B 54 -3.90 -3.39 40.97
N MET B 55 -4.03 -2.07 41.18
CA MET B 55 -5.29 -1.57 41.72
C MET B 55 -6.39 -1.57 40.67
N GLY B 56 -6.02 -1.47 39.39
CA GLY B 56 -7.02 -1.44 38.34
C GLY B 56 -7.77 -2.74 38.19
N GLU B 57 -7.05 -3.88 38.27
CA GLU B 57 -7.70 -5.18 38.16
C GLU B 57 -8.69 -5.42 39.29
N ASP B 58 -8.54 -4.69 40.39
CA ASP B 58 -9.48 -4.68 41.50
C ASP B 58 -10.69 -3.82 41.20
N LYS B 59 -10.51 -2.77 40.39
CA LYS B 59 -11.53 -1.75 40.16
C LYS B 59 -12.44 -2.06 38.96
N ILE B 60 -11.88 -2.46 37.82
CA ILE B 60 -12.72 -2.72 36.64
C ILE B 60 -12.75 -4.21 36.29
N LYS B 73 1.26 -14.73 36.64
CA LYS B 73 1.75 -14.50 35.29
C LYS B 73 2.40 -13.10 35.13
N GLU B 74 3.49 -13.06 34.36
CA GLU B 74 4.29 -11.85 34.15
C GLU B 74 3.48 -10.75 33.45
N VAL B 75 3.80 -9.50 33.80
CA VAL B 75 2.93 -8.38 33.46
C VAL B 75 2.82 -8.18 31.94
N ALA B 76 3.95 -8.26 31.23
CA ALA B 76 3.89 -8.05 29.78
C ALA B 76 3.05 -9.13 29.11
N ILE B 77 3.12 -10.36 29.61
CA ILE B 77 2.27 -11.44 29.11
C ILE B 77 0.81 -11.16 29.41
N ARG B 78 0.51 -10.76 30.65
CA ARG B 78 -0.88 -10.50 31.03
C ARG B 78 -1.49 -9.43 30.15
N ILE B 79 -0.74 -8.36 29.87
CA ILE B 79 -1.23 -7.32 29.00
C ILE B 79 -1.40 -7.86 27.58
N PHE B 80 -0.39 -8.59 27.10
CA PHE B 80 -0.48 -9.19 25.78
C PHE B 80 -1.72 -10.07 25.67
N GLN B 81 -1.94 -10.94 26.65
CA GLN B 81 -3.13 -11.78 26.62
C GLN B 81 -4.39 -10.92 26.67
N GLY B 82 -4.36 -9.82 27.40
CA GLY B 82 -5.47 -8.88 27.35
C GLY B 82 -5.73 -8.38 25.94
N CYS B 83 -4.67 -8.13 25.17
CA CYS B 83 -4.83 -7.67 23.79
C CYS B 83 -5.36 -8.76 22.87
N GLN B 84 -4.85 -10.00 22.99
CA GLN B 84 -5.40 -11.08 22.18
C GLN B 84 -6.88 -11.24 22.45
N PHE B 85 -7.25 -11.23 23.73
CA PHE B 85 -8.63 -11.50 24.11
C PHE B 85 -9.57 -10.48 23.47
N ARG B 86 -9.18 -9.21 23.50
CA ARG B 86 -10.02 -8.19 22.90
C ARG B 86 -9.98 -8.27 21.37
N SER B 87 -8.83 -8.62 20.80
CA SER B 87 -8.74 -8.82 19.35
C SER B 87 -9.67 -9.94 18.89
N VAL B 88 -9.73 -11.03 19.65
CA VAL B 88 -10.63 -12.11 19.29
C VAL B 88 -12.06 -11.63 19.36
N GLU B 89 -12.39 -10.87 20.39
CA GLU B 89 -13.71 -10.27 20.45
C GLU B 89 -13.94 -9.35 19.25
N ALA B 90 -12.90 -8.62 18.84
CA ALA B 90 -13.05 -7.72 17.70
C ALA B 90 -13.39 -8.50 16.43
N VAL B 91 -12.68 -9.62 16.19
CA VAL B 91 -12.95 -10.48 15.03
C VAL B 91 -14.41 -10.91 15.01
N GLN B 92 -14.95 -11.28 16.16
CA GLN B 92 -16.36 -11.64 16.25
C GLN B 92 -17.25 -10.47 15.88
N GLU B 93 -16.93 -9.27 16.38
CA GLU B 93 -17.75 -8.10 16.06
C GLU B 93 -17.64 -7.75 14.58
N ILE B 94 -16.42 -7.79 14.06
CA ILE B 94 -16.20 -7.50 12.64
C ILE B 94 -16.96 -8.50 11.78
N THR B 95 -16.91 -9.78 12.15
CA THR B 95 -17.61 -10.81 11.37
C THR B 95 -19.10 -10.54 11.38
N GLU B 96 -19.64 -10.15 12.53
CA GLU B 96 -21.06 -9.86 12.58
C GLU B 96 -21.39 -8.65 11.70
N TYR B 97 -20.53 -7.63 11.72
CA TYR B 97 -20.74 -6.47 10.86
C TYR B 97 -20.65 -6.83 9.38
N ALA B 98 -19.68 -7.66 9.03
CA ALA B 98 -19.49 -8.03 7.63
C ALA B 98 -20.75 -8.64 7.04
N LYS B 99 -21.44 -9.50 7.80
CA LYS B 99 -22.63 -10.17 7.26
C LYS B 99 -23.72 -9.20 6.89
N SER B 100 -23.72 -8.00 7.48
CA SER B 100 -24.70 -6.99 7.16
C SER B 100 -24.34 -6.20 5.92
N ILE B 101 -23.12 -6.33 5.42
CA ILE B 101 -22.78 -5.56 4.22
C ILE B 101 -23.56 -6.15 3.04
N PRO B 102 -24.42 -5.36 2.39
CA PRO B 102 -25.23 -5.92 1.29
C PRO B 102 -24.39 -6.66 0.27
N GLY B 103 -24.74 -7.91 0.00
CA GLY B 103 -24.05 -8.72 -0.96
C GLY B 103 -23.02 -9.67 -0.37
N PHE B 104 -22.52 -9.37 0.83
CA PHE B 104 -21.42 -10.18 1.38
C PHE B 104 -21.85 -11.62 1.60
N VAL B 105 -22.99 -11.85 2.27
CA VAL B 105 -23.37 -13.22 2.56
C VAL B 105 -23.75 -13.98 1.32
N ASN B 106 -23.99 -13.29 0.20
CA ASN B 106 -24.37 -13.94 -1.05
C ASN B 106 -23.18 -14.45 -1.84
N LEU B 107 -21.96 -14.04 -1.47
CA LEU B 107 -20.74 -14.47 -2.15
C LEU B 107 -20.44 -15.93 -1.86
N ASP B 108 -19.61 -16.52 -2.72
CA ASP B 108 -19.06 -17.84 -2.45
C ASP B 108 -18.53 -17.93 -1.02
N LEU B 109 -18.81 -19.06 -0.36
CA LEU B 109 -18.50 -19.18 1.05
C LEU B 109 -17.00 -19.18 1.31
N ASN B 110 -16.20 -19.82 0.45
CA ASN B 110 -14.76 -19.77 0.65
C ASN B 110 -14.24 -18.33 0.57
N ASP B 111 -14.82 -17.53 -0.33
CA ASP B 111 -14.42 -16.13 -0.45
C ASP B 111 -14.83 -15.32 0.76
N GLN B 112 -16.00 -15.61 1.33
CA GLN B 112 -16.37 -14.98 2.58
C GLN B 112 -15.28 -15.19 3.62
N VAL B 113 -14.81 -16.43 3.74
CA VAL B 113 -13.73 -16.73 4.68
C VAL B 113 -12.47 -15.96 4.30
N THR B 114 -12.11 -15.99 3.01
CA THR B 114 -10.91 -15.31 2.52
C THR B 114 -10.95 -13.80 2.78
N LEU B 115 -12.09 -13.14 2.52
CA LEU B 115 -12.15 -11.70 2.76
C LEU B 115 -11.96 -11.37 4.23
N LEU B 116 -12.62 -12.13 5.11
CA LEU B 116 -12.47 -11.92 6.55
C LEU B 116 -11.05 -12.24 7.00
N LYS B 117 -10.50 -13.36 6.53
CA LYS B 117 -9.14 -13.75 6.89
C LYS B 117 -8.16 -12.59 6.73
N TYR B 118 -8.17 -11.95 5.56
CA TYR B 118 -7.23 -10.87 5.26
C TYR B 118 -7.76 -9.50 5.68
N GLY B 119 -9.00 -9.40 6.14
CA GLY B 119 -9.51 -8.07 6.40
C GLY B 119 -9.54 -7.70 7.85
N VAL B 120 -9.69 -8.68 8.74
CA VAL B 120 -9.95 -8.39 10.15
C VAL B 120 -8.81 -7.58 10.77
N HIS B 121 -7.56 -7.94 10.46
CA HIS B 121 -6.44 -7.25 11.09
C HIS B 121 -6.37 -5.79 10.67
N GLU B 122 -6.58 -5.50 9.38
CA GLU B 122 -6.59 -4.12 8.93
C GLU B 122 -7.72 -3.34 9.59
N ILE B 123 -8.84 -4.01 9.88
CA ILE B 123 -9.94 -3.32 10.52
C ILE B 123 -9.68 -3.12 12.00
N ILE B 124 -9.09 -4.12 12.66
CA ILE B 124 -8.77 -3.98 14.08
C ILE B 124 -7.87 -2.76 14.31
N TYR B 125 -6.82 -2.62 13.51
CA TYR B 125 -5.94 -1.45 13.59
C TYR B 125 -6.70 -0.15 13.39
N THR B 126 -7.58 -0.10 12.37
CA THR B 126 -8.39 1.09 12.12
C THR B 126 -9.22 1.46 13.33
N MET B 127 -9.92 0.49 13.89
CA MET B 127 -10.84 0.78 14.96
C MET B 127 -10.12 0.95 16.28
N LEU B 128 -8.94 0.37 16.41
CA LEU B 128 -8.13 0.61 17.59
C LEU B 128 -7.78 2.09 17.71
N ALA B 129 -7.49 2.75 16.57
CA ALA B 129 -7.18 4.17 16.56
C ALA B 129 -8.28 5.01 17.21
N SER B 130 -9.53 4.63 17.00
CA SER B 130 -10.66 5.35 17.61
C SER B 130 -10.54 5.38 19.13
N LEU B 131 -9.89 4.37 19.72
CA LEU B 131 -9.74 4.29 21.17
C LEU B 131 -8.46 4.93 21.66
N MET B 132 -7.71 5.59 20.77
CA MET B 132 -6.37 6.05 21.10
C MET B 132 -6.26 7.57 21.01
N ASN B 133 -5.40 8.14 21.83
CA ASN B 133 -4.82 9.44 21.52
C ASN B 133 -3.31 9.30 21.66
N LYS B 134 -2.57 10.40 21.63
CA LYS B 134 -1.11 10.26 21.68
C LYS B 134 -0.64 9.72 23.04
N ASP B 135 -1.48 9.75 24.07
CA ASP B 135 -1.03 9.39 25.42
C ASP B 135 -1.44 7.98 25.88
N GLY B 136 -2.40 7.32 25.24
CA GLY B 136 -2.77 5.97 25.64
C GLY B 136 -3.99 5.49 24.91
N VAL B 137 -4.55 4.36 25.41
CA VAL B 137 -5.63 3.64 24.73
C VAL B 137 -6.69 3.28 25.76
N LEU B 138 -7.97 3.39 25.37
CA LEU B 138 -9.07 2.94 26.20
C LEU B 138 -9.12 1.42 26.23
N ILE B 139 -9.45 0.87 27.40
CA ILE B 139 -9.60 -0.57 27.58
C ILE B 139 -10.85 -0.82 28.41
N SER B 140 -11.23 -2.10 28.49
CA SER B 140 -12.38 -2.56 29.28
C SER B 140 -13.63 -1.71 29.01
N GLU B 141 -14.03 -1.67 27.73
CA GLU B 141 -15.19 -0.91 27.26
C GLU B 141 -15.14 0.55 27.71
N GLY B 142 -13.94 1.13 27.73
CA GLY B 142 -13.75 2.52 28.08
C GLY B 142 -13.61 2.83 29.56
N GLN B 143 -13.69 1.82 30.41
CA GLN B 143 -13.57 2.02 31.86
C GLN B 143 -12.15 2.23 32.31
N GLY B 144 -11.18 1.78 31.53
CA GLY B 144 -9.80 1.98 31.88
C GLY B 144 -9.10 2.72 30.78
N PHE B 145 -7.91 3.26 31.07
CA PHE B 145 -7.06 3.92 30.08
C PHE B 145 -5.63 3.54 30.43
N MET B 146 -4.97 2.83 29.53
CA MET B 146 -3.60 2.41 29.75
C MET B 146 -2.68 3.32 28.95
N THR B 147 -1.65 3.87 29.61
CA THR B 147 -0.80 4.86 28.97
C THR B 147 0.13 4.24 27.93
N ARG B 148 0.42 5.03 26.89
CA ARG B 148 1.40 4.64 25.87
C ARG B 148 2.77 4.38 26.46
N GLU B 149 3.22 5.26 27.36
CA GLU B 149 4.56 5.12 27.91
C GLU B 149 4.71 3.81 28.69
N PHE B 150 3.68 3.45 29.47
CA PHE B 150 3.72 2.17 30.17
C PHE B 150 3.77 1.00 29.18
N LEU B 151 2.97 1.06 28.12
CA LEU B 151 2.99 -0.01 27.12
C LEU B 151 4.35 -0.13 26.44
N LYS B 152 4.94 1.00 26.05
CA LYS B 152 6.25 0.93 25.38
C LYS B 152 7.36 0.45 26.32
N SER B 153 7.19 0.57 27.62
CA SER B 153 8.25 0.21 28.57
C SER B 153 8.24 -1.27 28.94
N LEU B 154 7.27 -2.05 28.46
CA LEU B 154 7.25 -3.48 28.72
C LEU B 154 8.51 -4.15 28.14
N ARG B 155 8.84 -5.33 28.66
CA ARG B 155 10.13 -5.95 28.38
C ARG B 155 10.29 -6.24 26.88
N LYS B 156 11.57 -6.47 26.48
CA LYS B 156 12.15 -6.35 25.15
C LYS B 156 11.18 -6.63 23.99
N PRO B 157 10.65 -7.84 23.82
CA PRO B 157 9.78 -8.06 22.65
C PRO B 157 8.48 -7.28 22.72
N PHE B 158 7.86 -7.20 23.89
CA PHE B 158 6.48 -6.72 24.02
C PHE B 158 6.37 -5.18 23.96
N GLY B 159 7.31 -4.45 24.55
CA GLY B 159 7.24 -2.99 24.49
C GLY B 159 7.12 -2.46 23.08
N ASP B 160 8.02 -2.90 22.20
CA ASP B 160 7.99 -2.43 20.82
C ASP B 160 6.92 -3.11 19.99
N PHE B 161 6.25 -4.11 20.54
CA PHE B 161 5.06 -4.67 19.90
C PHE B 161 3.85 -3.77 20.07
N MET B 162 3.82 -3.01 21.17
CA MET B 162 2.69 -2.14 21.49
C MET B 162 2.75 -0.82 20.73
N GLU B 163 3.95 -0.24 20.63
CA GLU B 163 4.10 1.14 20.14
C GLU B 163 3.63 1.39 18.70
N PRO B 164 3.92 0.54 17.71
CA PRO B 164 3.46 0.84 16.33
C PRO B 164 1.96 1.07 16.18
N LYS B 165 1.15 0.45 17.05
CA LYS B 165 -0.29 0.72 17.04
C LYS B 165 -0.55 2.20 17.30
N PHE B 166 0.15 2.77 18.28
CA PHE B 166 0.04 4.20 18.56
C PHE B 166 0.55 5.04 17.40
N GLU B 167 1.66 4.61 16.78
CA GLU B 167 2.24 5.39 15.69
C GLU B 167 1.26 5.51 14.54
N PHE B 168 0.60 4.41 14.19
CA PHE B 168 -0.46 4.48 13.19
C PHE B 168 -1.61 5.37 13.65
N ALA B 169 -2.09 5.15 14.88
CA ALA B 169 -3.30 5.83 15.34
C ALA B 169 -3.18 7.36 15.28
N VAL B 170 -2.05 7.95 15.73
CA VAL B 170 -1.98 9.42 15.71
C VAL B 170 -2.09 9.93 14.28
N LYS B 171 -1.44 9.25 13.33
CA LYS B 171 -1.54 9.66 11.93
C LYS B 171 -2.96 9.47 11.40
N PHE B 172 -3.56 8.31 11.65
CA PHE B 172 -4.92 8.07 11.15
C PHE B 172 -5.93 9.03 11.79
N ASN B 173 -5.80 9.28 13.09
CA ASN B 173 -6.75 10.14 13.77
C ASN B 173 -6.67 11.59 13.29
N ALA B 174 -5.56 12.01 12.70
CA ALA B 174 -5.50 13.37 12.17
C ALA B 174 -6.50 13.61 11.04
N LEU B 175 -7.03 12.53 10.43
CA LEU B 175 -8.07 12.71 9.42
C LEU B 175 -9.42 13.10 10.01
N GLU B 176 -9.62 12.90 11.31
CA GLU B 176 -10.85 13.32 12.00
C GLU B 176 -12.09 12.66 11.42
N LEU B 177 -12.00 11.36 11.16
CA LEU B 177 -13.18 10.62 10.71
C LEU B 177 -14.13 10.40 11.87
N ASP B 178 -15.43 10.37 11.60
CA ASP B 178 -16.35 9.92 12.62
C ASP B 178 -16.90 8.55 12.24
N ASP B 179 -17.73 7.99 13.13
CA ASP B 179 -18.17 6.60 12.98
C ASP B 179 -18.89 6.38 11.66
N SER B 180 -19.73 7.33 11.24
CA SER B 180 -20.46 7.18 10.00
C SER B 180 -19.50 7.08 8.80
N ASP B 181 -18.38 7.80 8.83
CA ASP B 181 -17.35 7.60 7.81
C ASP B 181 -16.73 6.22 7.96
N LEU B 182 -16.35 5.85 9.18
CA LEU B 182 -15.59 4.63 9.40
C LEU B 182 -16.37 3.39 8.98
N ALA B 183 -17.69 3.42 9.17
CA ALA B 183 -18.52 2.29 8.81
C ALA B 183 -18.35 1.94 7.34
N ILE B 184 -18.38 2.93 6.45
CA ILE B 184 -18.21 2.64 5.03
C ILE B 184 -16.77 2.25 4.73
N PHE B 185 -15.82 2.94 5.36
CA PHE B 185 -14.40 2.65 5.14
C PHE B 185 -14.10 1.21 5.49
N ILE B 186 -14.62 0.76 6.62
CA ILE B 186 -14.43 -0.62 7.08
C ILE B 186 -15.00 -1.60 6.05
N ALA B 187 -16.20 -1.31 5.53
CA ALA B 187 -16.81 -2.14 4.51
C ALA B 187 -15.93 -2.21 3.27
N VAL B 188 -15.39 -1.07 2.83
CA VAL B 188 -14.51 -1.05 1.65
C VAL B 188 -13.33 -1.98 1.84
N ILE B 189 -12.74 -2.01 3.04
CA ILE B 189 -11.60 -2.90 3.30
C ILE B 189 -12.00 -4.36 3.13
N ILE B 190 -13.16 -4.74 3.68
CA ILE B 190 -13.54 -6.15 3.65
C ILE B 190 -13.74 -6.62 2.23
N LEU B 191 -14.41 -5.82 1.42
CA LEU B 191 -14.72 -6.20 0.03
C LEU B 191 -13.59 -5.84 -0.91
N SER B 192 -12.38 -6.30 -0.58
CA SER B 192 -11.21 -6.12 -1.44
C SER B 192 -11.07 -7.32 -2.37
N GLY B 193 -11.15 -7.07 -3.67
CA GLY B 193 -11.03 -8.17 -4.62
C GLY B 193 -9.62 -8.68 -4.87
N ASP B 194 -8.61 -8.05 -4.32
CA ASP B 194 -7.23 -8.45 -4.55
C ASP B 194 -6.66 -9.32 -3.44
N ARG B 195 -7.51 -9.86 -2.56
CA ARG B 195 -7.03 -10.77 -1.54
C ARG B 195 -6.55 -12.06 -2.20
N PRO B 196 -5.49 -12.69 -1.67
CA PRO B 196 -5.00 -13.94 -2.29
C PRO B 196 -6.04 -15.05 -2.18
N GLY B 197 -6.20 -15.80 -3.26
CA GLY B 197 -7.02 -17.00 -3.26
C GLY B 197 -8.50 -16.80 -3.49
N LEU B 198 -8.94 -15.58 -3.81
CA LEU B 198 -10.35 -15.38 -4.09
C LEU B 198 -10.75 -16.14 -5.34
N LEU B 199 -11.97 -16.67 -5.36
CA LEU B 199 -12.40 -17.45 -6.51
C LEU B 199 -13.15 -16.61 -7.52
N ASN B 200 -13.99 -15.68 -7.06
CA ASN B 200 -14.80 -14.85 -7.96
C ASN B 200 -14.56 -13.40 -7.58
N VAL B 201 -13.51 -12.81 -8.15
CA VAL B 201 -13.16 -11.43 -7.82
C VAL B 201 -14.27 -10.48 -8.25
N LYS B 202 -14.91 -10.76 -9.38
CA LYS B 202 -15.82 -9.78 -9.98
C LYS B 202 -17.01 -9.42 -9.09
N PRO B 203 -17.76 -10.36 -8.52
CA PRO B 203 -18.85 -9.92 -7.61
C PRO B 203 -18.36 -9.15 -6.40
N ILE B 204 -17.11 -9.37 -5.96
CA ILE B 204 -16.59 -8.58 -4.84
C ILE B 204 -16.32 -7.14 -5.27
N GLU B 205 -15.76 -6.95 -6.46
CA GLU B 205 -15.48 -5.60 -6.93
C GLU B 205 -16.76 -4.83 -7.25
N ASP B 206 -17.78 -5.52 -7.76
CA ASP B 206 -19.05 -4.85 -7.95
C ASP B 206 -19.57 -4.27 -6.64
N ILE B 207 -19.43 -5.03 -5.55
CA ILE B 207 -19.85 -4.51 -4.24
C ILE B 207 -18.93 -3.37 -3.80
N GLN B 208 -17.62 -3.55 -3.92
CA GLN B 208 -16.71 -2.49 -3.48
C GLN B 208 -16.97 -1.20 -4.25
N ASP B 209 -17.28 -1.31 -5.55
CA ASP B 209 -17.58 -0.13 -6.35
C ASP B 209 -18.71 0.68 -5.74
N ASN B 210 -19.81 0.02 -5.34
CA ASN B 210 -20.86 0.76 -4.65
C ASN B 210 -20.40 1.29 -3.30
N LEU B 211 -19.62 0.50 -2.56
CA LEU B 211 -19.11 0.97 -1.27
C LEU B 211 -18.17 2.17 -1.46
N LEU B 212 -17.33 2.12 -2.49
CA LEU B 212 -16.44 3.24 -2.79
C LEU B 212 -17.22 4.49 -3.20
N GLN B 213 -18.22 4.33 -4.09
CA GLN B 213 -19.12 5.43 -4.41
C GLN B 213 -19.78 5.98 -3.17
N ALA B 214 -20.21 5.10 -2.27
CA ALA B 214 -20.87 5.53 -1.05
C ALA B 214 -19.90 6.29 -0.14
N LEU B 215 -18.67 5.79 -0.03
CA LEU B 215 -17.69 6.48 0.81
C LEU B 215 -17.38 7.85 0.24
N GLU B 216 -17.19 7.92 -1.08
CA GLU B 216 -16.87 9.19 -1.73
C GLU B 216 -17.93 10.25 -1.46
N LEU B 217 -19.20 9.90 -1.65
CA LEU B 217 -20.26 10.88 -1.42
C LEU B 217 -20.33 11.24 0.06
N GLN B 218 -20.23 10.24 0.94
CA GLN B 218 -20.24 10.48 2.38
C GLN B 218 -19.17 11.48 2.78
N LEU B 219 -17.94 11.28 2.32
CA LEU B 219 -16.86 12.17 2.70
C LEU B 219 -17.08 13.58 2.16
N LYS B 220 -17.64 13.70 0.95
CA LYS B 220 -17.90 15.03 0.40
C LYS B 220 -18.90 15.79 1.23
N LEU B 221 -19.93 15.10 1.74
CA LEU B 221 -20.99 15.77 2.49
C LEU B 221 -20.60 16.03 3.94
N ASN B 222 -19.90 15.09 4.57
CA ASN B 222 -19.56 15.20 5.99
C ASN B 222 -18.28 16.00 6.24
N HIS B 223 -17.42 16.13 5.23
CA HIS B 223 -16.18 16.89 5.34
C HIS B 223 -15.98 17.72 4.09
N PRO B 224 -16.91 18.64 3.80
CA PRO B 224 -16.82 19.39 2.54
C PRO B 224 -15.59 20.26 2.44
N GLU B 225 -15.02 20.66 3.57
CA GLU B 225 -13.81 21.47 3.65
C GLU B 225 -12.53 20.64 3.59
N SER B 226 -12.63 19.32 3.74
CA SER B 226 -11.47 18.42 3.76
C SER B 226 -11.20 17.96 2.34
N SER B 227 -10.38 18.74 1.63
CA SER B 227 -10.13 18.47 0.21
C SER B 227 -9.43 17.13 0.02
N GLN B 228 -9.91 16.36 -0.97
CA GLN B 228 -9.33 15.06 -1.34
C GLN B 228 -9.22 14.11 -0.15
N LEU B 229 -10.15 14.18 0.80
CA LEU B 229 -10.08 13.28 1.94
C LEU B 229 -10.29 11.84 1.49
N PHE B 230 -11.12 11.65 0.46
CA PHE B 230 -11.32 10.34 -0.13
C PHE B 230 -9.99 9.69 -0.49
N ALA B 231 -9.25 10.33 -1.37
CA ALA B 231 -7.94 9.81 -1.78
C ALA B 231 -7.02 9.62 -0.58
N LYS B 232 -6.98 10.62 0.32
CA LYS B 232 -6.09 10.54 1.48
C LYS B 232 -6.46 9.34 2.36
N LEU B 233 -7.77 9.08 2.50
CA LEU B 233 -8.20 7.94 3.30
C LEU B 233 -7.80 6.62 2.64
N LEU B 234 -7.94 6.54 1.31
CA LEU B 234 -7.51 5.34 0.59
C LEU B 234 -6.01 5.15 0.65
N GLN B 235 -5.25 6.25 0.69
CA GLN B 235 -3.81 6.11 0.88
C GLN B 235 -3.48 5.54 2.25
N LYS B 236 -4.38 5.66 3.24
CA LYS B 236 -4.15 5.03 4.53
C LYS B 236 -4.26 3.51 4.45
N MET B 237 -5.05 2.98 3.50
CA MET B 237 -5.07 1.53 3.30
C MET B 237 -3.70 1.01 2.92
N THR B 238 -2.81 1.88 2.46
CA THR B 238 -1.40 1.51 2.29
C THR B 238 -0.71 1.33 3.65
N ASP B 239 -0.92 2.27 4.56
CA ASP B 239 -0.34 2.14 5.90
C ASP B 239 -0.80 0.86 6.59
N LEU B 240 -2.06 0.45 6.31
CA LEU B 240 -2.62 -0.70 7.02
C LEU B 240 -1.94 -2.01 6.60
N ARG B 241 -1.69 -2.19 5.30
CA ARG B 241 -1.04 -3.41 4.85
C ARG B 241 0.32 -3.61 5.51
N GLN B 242 1.15 -2.57 5.50
CA GLN B 242 2.51 -2.69 6.01
C GLN B 242 2.50 -3.03 7.50
N ILE B 243 1.70 -2.30 8.27
CA ILE B 243 1.68 -2.48 9.71
C ILE B 243 1.16 -3.87 10.06
N VAL B 244 0.14 -4.36 9.35
CA VAL B 244 -0.32 -5.73 9.54
C VAL B 244 0.81 -6.71 9.27
N THR B 245 1.60 -6.45 8.23
CA THR B 245 2.72 -7.32 7.90
C THR B 245 3.76 -7.31 9.01
N GLU B 246 4.16 -6.12 9.46
CA GLU B 246 5.09 -6.03 10.59
C GLU B 246 4.54 -6.77 11.81
N HIS B 247 3.27 -6.56 12.11
CA HIS B 247 2.65 -7.20 13.26
C HIS B 247 2.82 -8.71 13.21
N VAL B 248 2.49 -9.31 12.07
CA VAL B 248 2.62 -10.75 11.89
C VAL B 248 4.06 -11.20 12.11
N GLN B 249 5.02 -10.46 11.55
CA GLN B 249 6.41 -10.80 11.74
C GLN B 249 6.83 -10.69 13.20
N LEU B 250 6.22 -9.77 13.96
CA LEU B 250 6.55 -9.68 15.38
C LEU B 250 5.96 -10.85 16.15
N LEU B 251 4.71 -11.23 15.85
CA LEU B 251 4.11 -12.38 16.53
C LEU B 251 4.95 -13.62 16.34
N GLN B 252 5.34 -13.90 15.10
CA GLN B 252 6.14 -15.10 14.84
C GLN B 252 7.42 -15.08 15.69
N VAL B 253 8.07 -13.92 15.83
CA VAL B 253 9.26 -13.84 16.65
C VAL B 253 8.93 -14.08 18.12
N ILE B 254 7.86 -13.47 18.62
CA ILE B 254 7.49 -13.65 20.03
C ILE B 254 7.14 -15.10 20.31
N LYS B 255 6.34 -15.72 19.43
CA LYS B 255 5.99 -17.13 19.59
C LYS B 255 7.23 -18.00 19.73
N LYS B 256 8.29 -17.67 18.99
CA LYS B 256 9.50 -18.47 19.02
C LYS B 256 10.27 -18.34 20.34
N THR B 257 9.86 -17.44 21.21
CA THR B 257 10.46 -17.31 22.53
C THR B 257 9.52 -17.68 23.65
N GLU B 258 8.27 -17.23 23.56
CA GLU B 258 7.29 -17.36 24.63
C GLU B 258 6.41 -18.59 24.43
N THR B 259 6.44 -19.52 25.38
CA THR B 259 5.51 -20.64 25.40
C THR B 259 4.48 -20.48 26.50
N ASP B 260 4.68 -19.53 27.42
CA ASP B 260 3.58 -19.13 28.27
C ASP B 260 2.51 -18.37 27.50
N MET B 261 2.70 -18.22 26.19
CA MET B 261 1.69 -17.68 25.31
C MET B 261 1.14 -18.78 24.42
N SER B 262 -0.09 -18.56 24.00
CA SER B 262 -0.82 -19.46 23.12
C SER B 262 -1.92 -18.59 22.52
N LEU B 263 -2.19 -18.78 21.25
CA LEU B 263 -3.15 -17.91 20.60
C LEU B 263 -4.51 -18.58 20.55
N HIS B 264 -5.53 -17.74 20.60
CA HIS B 264 -6.90 -18.22 20.41
C HIS B 264 -7.00 -18.89 19.04
N PRO B 265 -7.67 -20.05 18.95
CA PRO B 265 -7.75 -20.75 17.66
C PRO B 265 -8.21 -19.85 16.51
N LEU B 266 -9.13 -18.93 16.80
CA LEU B 266 -9.57 -17.97 15.80
C LEU B 266 -8.40 -17.17 15.22
N LEU B 267 -7.56 -16.61 16.08
CA LEU B 267 -6.37 -15.91 15.62
C LEU B 267 -5.37 -16.88 14.98
N GLN B 268 -5.21 -18.07 15.57
CA GLN B 268 -4.31 -19.07 15.02
C GLN B 268 -4.61 -19.36 13.55
N GLU B 269 -5.88 -19.58 13.23
CA GLU B 269 -6.25 -19.88 11.85
C GLU B 269 -5.98 -18.68 10.94
N ILE B 270 -6.35 -17.48 11.39
CA ILE B 270 -6.16 -16.28 10.58
C ILE B 270 -4.70 -16.15 10.12
N TYR B 271 -3.74 -16.38 11.02
CA TYR B 271 -2.36 -16.10 10.65
C TYR B 271 -1.73 -17.24 9.87
N LYS B 272 -2.28 -18.45 9.94
CA LYS B 272 -1.69 -19.60 9.27
C LYS B 272 -1.74 -19.41 7.75
N ASP B 273 -0.59 -19.67 7.11
CA ASP B 273 -0.44 -19.62 5.65
C ASP B 273 -1.13 -18.42 5.00
C1 A1IP8 C . 12.95 0.51 -18.20
C10 A1IP8 C . 15.85 -1.39 -9.00
C11 A1IP8 C . 14.66 -0.72 -8.85
C12 A1IP8 C . 13.49 -1.23 -9.37
C13 A1IP8 C . 13.51 -2.43 -10.03
C14 A1IP8 C . 13.94 -5.50 -13.04
C15 A1IP8 C . 13.75 -6.85 -12.76
C16 A1IP8 C . 13.26 -7.66 -13.75
C17 A1IP8 C . 13.00 -7.14 -15.02
C18 A1IP8 C . 13.21 -5.82 -15.34
C19 A1IP8 C . 13.68 -4.97 -14.32
C2 A1IP8 C . 13.27 -0.54 -17.17
C20 A1IP8 C . 14.15 -2.71 -16.63
C21 A1IP8 C . 15.20 -4.03 -18.36
C22 A1IP8 C . 16.06 -5.26 -18.42
C23 A1IP8 C . 17.44 -5.15 -18.53
C24 A1IP8 C . 18.23 -6.28 -18.59
C25 A1IP8 C . 17.65 -7.53 -18.54
C26 A1IP8 C . 16.30 -7.65 -18.44
C27 A1IP8 C . 15.50 -6.52 -18.38
C28 A1IP8 C . 13.87 -1.73 -17.56
C3 A1IP8 C . 12.93 -0.35 -15.84
C4 A1IP8 C . 13.20 -1.34 -14.91
C5 A1IP8 C . 13.84 -2.52 -15.28
C6 A1IP8 C . 14.01 -3.57 -14.26
C7 A1IP8 C . 14.72 -4.46 -10.93
C8 A1IP8 C . 14.69 -3.15 -10.21
C9 A1IP8 C . 15.85 -2.61 -9.67
N1 A1IP8 C . 14.37 -3.25 -13.03
N2 A1IP8 C . 14.38 -4.43 -12.29
O1 A1IP8 C . 12.06 1.35 -17.91
O2 A1IP8 C . 13.52 0.42 -19.31
O3 A1IP8 C . 14.96 -5.50 -10.36
O4 A1IP8 C . 14.76 -3.88 -17.00
CL1 A1IP8 C . 17.35 -3.46 -9.86
CL2 A1IP8 C . 12.04 -3.06 -10.69
CL3 A1IP8 C . 12.39 -8.21 -16.25
C1 A1IP8 D . -10.56 -3.08 20.81
C10 A1IP8 D . -4.52 -8.11 16.40
C11 A1IP8 D . -4.59 -9.44 16.76
C12 A1IP8 D . -4.01 -9.90 17.91
C13 A1IP8 D . -3.35 -8.99 18.73
C14 A1IP8 D . -2.76 -4.57 20.60
C15 A1IP8 D . -1.46 -4.13 20.87
C16 A1IP8 D . -1.32 -2.94 21.54
C17 A1IP8 D . -2.45 -2.25 21.96
C18 A1IP8 D . -3.73 -2.67 21.73
C19 A1IP8 D . -3.89 -3.87 21.03
C2 A1IP8 D . -9.13 -3.51 20.75
C20 A1IP8 D . -7.02 -3.77 21.87
C21 A1IP8 D . -6.90 -3.24 24.20
C22 A1IP8 D . -6.04 -3.55 25.37
C23 A1IP8 D . -6.38 -4.57 26.25
C24 A1IP8 D . -5.58 -4.86 27.33
C25 A1IP8 D . -4.42 -4.15 27.55
C26 A1IP8 D . -4.06 -3.14 26.67
C27 A1IP8 D . -4.86 -2.85 25.58
C28 A1IP8 D . -8.34 -3.40 21.90
C3 A1IP8 D . -8.57 -3.99 19.57
C4 A1IP8 D . -7.24 -4.38 19.55
C5 A1IP8 D . -6.45 -4.30 20.70
C6 A1IP8 D . -5.02 -4.62 20.60
C7 A1IP8 D . -2.52 -6.71 19.32
C8 A1IP8 D . -3.26 -7.65 18.41
C9 A1IP8 D . -3.86 -7.23 17.23
N1 A1IP8 D . -4.63 -5.70 19.94
N2 A1IP8 D . -3.24 -5.70 19.95
O1 A1IP8 D . -11.01 -2.74 21.93
O2 A1IP8 D . -11.20 -3.01 19.72
O3 A1IP8 D . -1.34 -6.83 19.51
O4 A1IP8 D . -6.26 -3.69 23.00
CL1 A1IP8 D . -3.77 -5.56 16.76
CL2 A1IP8 D . -2.62 -9.56 20.20
CL3 A1IP8 D . -2.22 -0.74 22.82
#